data_5ZJV
#
_entry.id   5ZJV
#
_cell.length_a   51.580
_cell.length_b   73.130
_cell.length_c   82.300
_cell.angle_alpha   90.00
_cell.angle_beta   90.00
_cell.angle_gamma   90.00
#
_symmetry.space_group_name_H-M   'P 21 21 21'
#
loop_
_entity.id
_entity.type
_entity.pdbx_description
1 polymer 'Probable phosphatidylethanolamine transferase Mcr-1'
2 non-polymer beta-L-xylopyranose
3 non-polymer 'ZINC ION'
4 water water
#
_entity_poly.entity_id   1
_entity_poly.type   'polypeptide(L)'
_entity_poly.pdbx_seq_one_letter_code
;PKDTIYHAKDAVQATKPDMRKPRLVVFVVGETARADHVSFNGYERDTFPQLAKIDGVTNFSNVTSCGTS(TPO)AYSVPC
MFSYLGADEYDVDTAKYQENVLDTLDRLGVSILWRDNNSDSKGVMDKLPKAQFADYKSATNNAICNTNPYNECRDVGMLV
GLDDFVAANNGKDMLIMLHQMGNHGPAYFKRYDEKFAKFTPVCEGNELAKCEHQSLINAYDNALLATDDFIAQSIQWLQT
HSNAYDVSMLYVSDHGESLGENGVYLHGMPNAFAPKEQRSVPAFFWTDKQTGITPMATDTVLTHDAITPTLLKLFDVTAD
KVKDRTAFIRLEHHH
;
_entity_poly.pdbx_strand_id   A
#
loop_
_chem_comp.id
_chem_comp.type
_chem_comp.name
_chem_comp.formula
LXC L-saccharide, beta linking beta-L-xylopyranose 'C5 H10 O5'
ZN non-polymer 'ZINC ION' 'Zn 2'
#
# COMPACT_ATOMS: atom_id res chain seq x y z
N PRO A 1 11.28 -17.22 -20.74
CA PRO A 1 9.89 -16.87 -20.40
C PRO A 1 8.98 -18.10 -20.33
N LYS A 2 7.83 -17.97 -19.68
CA LYS A 2 6.84 -19.04 -19.60
C LYS A 2 5.46 -18.48 -19.87
N ASP A 3 4.56 -19.38 -20.25
CA ASP A 3 3.18 -18.99 -20.52
C ASP A 3 2.49 -18.51 -19.24
N THR A 4 1.64 -17.52 -19.38
CA THR A 4 0.89 -17.00 -18.24
C THR A 4 -0.20 -17.98 -17.83
N ILE A 5 -0.27 -18.28 -16.54
CA ILE A 5 -1.35 -19.09 -15.99
C ILE A 5 -2.52 -18.17 -15.64
N TYR A 6 -3.69 -18.48 -16.15
CA TYR A 6 -4.83 -17.60 -15.99
C TYR A 6 -5.61 -17.95 -14.73
N HIS A 7 -6.21 -16.90 -14.13
CA HIS A 7 -7.05 -17.07 -12.96
C HIS A 7 -8.34 -16.27 -13.02
N ALA A 8 -8.49 -15.36 -13.97
CA ALA A 8 -9.64 -14.47 -14.00
C ALA A 8 -10.06 -14.20 -15.43
N LYS A 9 -9.98 -15.20 -16.30
CA LYS A 9 -10.43 -14.98 -17.67
C LYS A 9 -11.92 -14.73 -17.77
N ASP A 10 -12.68 -15.03 -16.72
CA ASP A 10 -14.09 -14.72 -16.65
C ASP A 10 -14.36 -13.27 -16.27
N ALA A 11 -13.32 -12.51 -15.92
CA ALA A 11 -13.53 -11.20 -15.31
C ALA A 11 -14.21 -10.25 -16.27
N VAL A 12 -15.20 -9.51 -15.75
N VAL A 12 -15.20 -9.52 -15.73
CA VAL A 12 -15.90 -8.50 -16.53
CA VAL A 12 -15.96 -8.51 -16.48
C VAL A 12 -16.01 -7.24 -15.69
C VAL A 12 -15.97 -7.23 -15.66
N GLN A 13 -15.92 -6.10 -16.37
CA GLN A 13 -16.14 -4.79 -15.74
C GLN A 13 -17.58 -4.39 -16.03
N ALA A 14 -18.36 -4.18 -14.96
CA ALA A 14 -19.80 -3.98 -15.10
C ALA A 14 -20.15 -2.63 -15.71
N THR A 15 -19.34 -1.60 -15.45
CA THR A 15 -19.62 -0.25 -15.93
C THR A 15 -18.36 0.33 -16.52
N LYS A 16 -18.53 1.24 -17.50
CA LYS A 16 -17.41 1.86 -18.19
C LYS A 16 -17.33 3.34 -17.87
N PRO A 17 -16.12 3.92 -17.88
CA PRO A 17 -15.95 5.34 -17.51
C PRO A 17 -16.57 6.33 -18.47
N ASP A 18 -17.16 5.89 -19.59
CA ASP A 18 -17.94 6.80 -20.43
C ASP A 18 -19.41 6.84 -20.02
N MET A 19 -19.81 6.00 -19.06
CA MET A 19 -21.19 5.93 -18.60
C MET A 19 -21.34 6.23 -17.12
N ARG A 20 -20.24 6.40 -16.39
CA ARG A 20 -20.25 6.89 -15.02
C ARG A 20 -18.92 7.59 -14.81
N LYS A 21 -18.75 8.16 -13.62
CA LYS A 21 -17.52 8.90 -13.38
C LYS A 21 -16.31 7.98 -13.51
N PRO A 22 -15.22 8.41 -14.16
CA PRO A 22 -14.01 7.61 -14.17
C PRO A 22 -13.48 7.50 -12.76
N ARG A 23 -12.77 6.42 -12.48
CA ARG A 23 -12.29 6.10 -11.14
C ARG A 23 -10.77 6.22 -11.08
N LEU A 24 -10.30 6.84 -10.01
CA LEU A 24 -8.88 7.12 -9.82
C LEU A 24 -8.54 6.68 -8.40
N VAL A 25 -7.68 5.67 -8.29
CA VAL A 25 -7.34 5.07 -7.03
C VAL A 25 -5.83 5.11 -6.86
N VAL A 26 -5.37 5.47 -5.66
CA VAL A 26 -3.98 5.29 -5.28
C VAL A 26 -3.91 4.15 -4.28
N PHE A 27 -3.06 3.16 -4.56
CA PHE A 27 -2.74 2.09 -3.63
C PHE A 27 -1.32 2.34 -3.12
N VAL A 28 -1.22 2.74 -1.85
CA VAL A 28 0.09 2.88 -1.21
C VAL A 28 0.49 1.51 -0.69
N VAL A 29 1.55 0.94 -1.28
CA VAL A 29 2.11 -0.32 -0.83
C VAL A 29 3.14 0.04 0.24
N GLY A 30 2.78 -0.19 1.51
CA GLY A 30 3.58 0.23 2.63
C GLY A 30 4.76 -0.68 2.87
N GLU A 31 5.54 -0.33 3.89
CA GLU A 31 6.80 -1.01 4.15
C GLU A 31 7.11 -0.95 5.66
N THR A 32 7.14 -2.12 6.30
CA THR A 32 7.67 -2.35 7.64
C THR A 32 6.84 -1.68 8.73
N ALA A 33 5.62 -1.25 8.43
CA ALA A 33 4.79 -0.59 9.44
C ALA A 33 4.05 -1.63 10.27
N ARG A 34 4.03 -1.42 11.59
CA ARG A 34 3.40 -2.28 12.58
C ARG A 34 2.03 -1.75 12.97
N ALA A 35 1.02 -2.63 13.00
CA ALA A 35 -0.31 -2.21 13.43
C ALA A 35 -0.31 -1.63 14.84
N ASP A 36 0.49 -2.21 15.76
CA ASP A 36 0.37 -1.78 17.15
C ASP A 36 1.10 -0.46 17.43
N HIS A 37 1.75 0.14 16.44
CA HIS A 37 2.28 1.49 16.57
C HIS A 37 1.41 2.52 15.88
N VAL A 38 0.18 2.15 15.52
CA VAL A 38 -0.78 3.08 14.94
C VAL A 38 -1.66 3.63 16.06
N SER A 39 -1.67 4.96 16.19
CA SER A 39 -2.57 5.62 17.14
C SER A 39 -3.97 5.04 17.14
N PHE A 40 -4.57 4.90 15.96
CA PHE A 40 -5.95 4.40 15.85
C PHE A 40 -6.13 3.00 16.43
N ASN A 41 -5.07 2.21 16.46
CA ASN A 41 -5.16 0.86 17.03
C ASN A 41 -4.88 0.81 18.52
N GLY A 42 -4.70 1.96 19.17
CA GLY A 42 -4.48 2.00 20.60
C GLY A 42 -3.10 2.43 21.03
N TYR A 43 -2.18 2.68 20.10
CA TYR A 43 -0.84 3.13 20.47
C TYR A 43 -0.94 4.46 21.20
N GLU A 44 -0.19 4.59 22.29
CA GLU A 44 -0.29 5.77 23.15
C GLU A 44 0.19 7.03 22.46
N ARG A 45 1.03 6.90 21.43
CA ARG A 45 1.58 8.04 20.71
C ARG A 45 0.75 8.34 19.47
N ASP A 46 0.61 9.63 19.16
CA ASP A 46 -0.15 10.03 17.99
C ASP A 46 0.78 9.96 16.78
N THR A 47 0.90 8.75 16.23
CA THR A 47 1.75 8.51 15.06
C THR A 47 1.06 8.89 13.76
N PHE A 48 -0.25 9.11 13.75
CA PHE A 48 -0.96 9.49 12.52
C PHE A 48 -1.83 10.73 12.74
N PRO A 49 -1.22 11.85 13.13
CA PRO A 49 -2.03 13.05 13.40
C PRO A 49 -2.70 13.61 12.16
N GLN A 50 -2.07 13.51 10.99
CA GLN A 50 -2.67 14.14 9.80
C GLN A 50 -3.86 13.34 9.29
N LEU A 51 -3.74 12.01 9.24
CA LEU A 51 -4.88 11.18 8.85
C LEU A 51 -6.04 11.34 9.81
N ALA A 52 -5.75 11.61 11.09
CA ALA A 52 -6.82 11.76 12.08
C ALA A 52 -7.71 12.97 11.79
N LYS A 53 -7.24 13.92 10.99
CA LYS A 53 -8.00 15.12 10.66
C LYS A 53 -8.76 15.01 9.35
N ILE A 54 -8.64 13.90 8.63
CA ILE A 54 -9.28 13.74 7.33
C ILE A 54 -10.55 12.92 7.50
N ASP A 55 -11.69 13.50 7.14
CA ASP A 55 -12.94 12.76 7.12
C ASP A 55 -12.87 11.59 6.14
N GLY A 56 -13.45 10.46 6.52
CA GLY A 56 -13.59 9.34 5.62
C GLY A 56 -12.40 8.39 5.58
N VAL A 57 -11.47 8.49 6.51
CA VAL A 57 -10.39 7.51 6.65
C VAL A 57 -10.89 6.40 7.56
N THR A 58 -10.78 5.16 7.10
CA THR A 58 -11.11 4.01 7.92
C THR A 58 -9.81 3.29 8.26
N ASN A 59 -9.59 3.06 9.55
CA ASN A 59 -8.48 2.26 10.06
C ASN A 59 -8.95 0.83 10.31
N PHE A 60 -8.16 -0.15 9.90
CA PHE A 60 -8.52 -1.55 10.09
C PHE A 60 -7.60 -2.15 11.15
N SER A 61 -8.19 -2.60 12.26
CA SER A 61 -7.45 -2.96 13.46
C SER A 61 -7.01 -4.41 13.50
N ASN A 62 -7.42 -5.24 12.52
CA ASN A 62 -7.09 -6.67 12.55
C ASN A 62 -6.73 -7.12 11.13
N VAL A 63 -5.53 -6.74 10.69
CA VAL A 63 -5.00 -7.12 9.38
C VAL A 63 -3.70 -7.88 9.58
N THR A 64 -3.60 -9.05 8.96
CA THR A 64 -2.42 -9.91 9.03
C THR A 64 -1.80 -10.06 7.65
N SER A 65 -0.51 -9.75 7.53
CA SER A 65 0.19 -9.88 6.25
C SER A 65 0.33 -11.35 5.88
N CYS A 66 0.53 -11.60 4.59
CA CYS A 66 0.72 -12.99 4.18
C CYS A 66 2.12 -13.48 4.51
N GLY A 67 3.10 -12.58 4.58
CA GLY A 67 4.46 -12.96 4.87
C GLY A 67 5.23 -11.85 5.55
N THR A 68 6.54 -12.03 5.66
CA THR A 68 7.36 -11.15 6.50
C THR A 68 8.44 -10.43 5.70
N SER A 69 8.39 -10.49 4.38
CA SER A 69 9.40 -9.81 3.57
C SER A 69 8.79 -9.23 2.33
N TPO A 70 9.53 -8.33 1.70
CA TPO A 70 9.11 -7.62 0.50
CB TPO A 70 10.12 -6.53 0.20
CG2 TPO A 70 9.48 -5.59 -0.83
OG1 TPO A 70 10.25 -5.76 1.40
P TPO A 70 11.66 -5.95 2.19
O1P TPO A 70 12.84 -5.17 1.48
O2P TPO A 70 11.31 -5.28 3.60
O3P TPO A 70 12.03 -7.40 2.35
C TPO A 70 8.92 -8.55 -0.70
O TPO A 70 7.88 -8.54 -1.34
N ALA A 71 9.93 -9.36 -0.99
CA ALA A 71 9.85 -10.27 -2.13
C ALA A 71 8.76 -11.33 -1.97
N TYR A 72 8.46 -11.71 -0.72
CA TYR A 72 7.39 -12.69 -0.49
C TYR A 72 6.02 -12.04 -0.51
N SER A 73 5.83 -10.94 0.24
CA SER A 73 4.51 -10.39 0.46
C SER A 73 3.97 -9.67 -0.76
N VAL A 74 4.78 -8.83 -1.40
CA VAL A 74 4.25 -7.97 -2.48
C VAL A 74 3.60 -8.79 -3.58
N PRO A 75 4.21 -9.85 -4.12
CA PRO A 75 3.49 -10.61 -5.17
C PRO A 75 2.21 -11.25 -4.68
N CYS A 76 2.18 -11.74 -3.44
CA CYS A 76 0.95 -12.32 -2.92
C CYS A 76 -0.15 -11.26 -2.75
N MET A 77 0.23 -10.02 -2.44
CA MET A 77 -0.77 -8.97 -2.23
C MET A 77 -1.59 -8.72 -3.50
N PHE A 78 -1.00 -8.98 -4.67
CA PHE A 78 -1.65 -8.76 -5.96
C PHE A 78 -2.09 -10.05 -6.63
N SER A 79 -1.99 -11.18 -5.93
N SER A 79 -2.02 -11.17 -5.91
CA SER A 79 -2.24 -12.47 -6.53
CA SER A 79 -2.24 -12.49 -6.45
C SER A 79 -3.70 -12.86 -6.44
C SER A 79 -3.72 -12.88 -6.40
N TYR A 80 -4.07 -13.86 -7.25
CA TYR A 80 -5.36 -14.51 -7.16
C TYR A 80 -5.32 -15.75 -6.28
N LEU A 81 -4.14 -16.30 -6.04
CA LEU A 81 -4.06 -17.58 -5.34
C LEU A 81 -4.36 -17.44 -3.86
N GLY A 82 -4.04 -16.30 -3.28
CA GLY A 82 -4.18 -16.14 -1.85
C GLY A 82 -3.02 -16.79 -1.10
N ALA A 83 -2.88 -16.39 0.17
CA ALA A 83 -1.69 -16.80 0.93
C ALA A 83 -1.59 -18.30 1.08
N ASP A 84 -2.73 -19.02 1.13
CA ASP A 84 -2.65 -20.46 1.42
C ASP A 84 -2.15 -21.26 0.23
N GLU A 85 -2.38 -20.80 -0.99
CA GLU A 85 -1.93 -21.47 -2.20
C GLU A 85 -0.80 -20.73 -2.90
N TYR A 86 -0.35 -19.62 -2.33
CA TYR A 86 0.68 -18.80 -2.95
C TYR A 86 2.02 -19.53 -3.02
N ASP A 87 2.67 -19.43 -4.18
N ASP A 87 2.66 -19.45 -4.18
CA ASP A 87 4.01 -19.99 -4.38
CA ASP A 87 4.00 -19.97 -4.39
C ASP A 87 4.87 -18.85 -4.92
C ASP A 87 4.85 -18.82 -4.92
N VAL A 88 5.76 -18.33 -4.07
CA VAL A 88 6.57 -17.16 -4.46
C VAL A 88 7.34 -17.42 -5.75
N ASP A 89 7.77 -18.67 -5.99
CA ASP A 89 8.66 -18.96 -7.10
C ASP A 89 7.95 -18.99 -8.46
N THR A 90 6.62 -19.15 -8.50
CA THR A 90 5.89 -19.10 -9.75
C THR A 90 4.91 -17.93 -9.84
N ALA A 91 4.87 -17.04 -8.84
CA ALA A 91 3.91 -15.94 -8.84
C ALA A 91 4.04 -15.09 -10.10
N LYS A 92 5.27 -14.94 -10.61
CA LYS A 92 5.51 -14.08 -11.76
C LYS A 92 4.73 -14.51 -13.00
N TYR A 93 4.48 -15.81 -13.15
CA TYR A 93 3.81 -16.32 -14.33
C TYR A 93 2.30 -16.51 -14.14
N GLN A 94 1.77 -16.12 -12.99
CA GLN A 94 0.32 -16.12 -12.79
C GLN A 94 -0.25 -14.79 -13.23
N GLU A 95 -1.40 -14.84 -13.91
CA GLU A 95 -2.20 -13.63 -14.04
C GLU A 95 -2.45 -13.07 -12.66
N ASN A 96 -2.13 -11.78 -12.47
CA ASN A 96 -2.40 -11.12 -11.21
C ASN A 96 -3.46 -10.03 -11.42
N VAL A 97 -3.83 -9.37 -10.32
CA VAL A 97 -4.99 -8.49 -10.38
C VAL A 97 -4.71 -7.29 -11.28
N LEU A 98 -3.45 -6.85 -11.34
CA LEU A 98 -3.11 -5.74 -12.24
C LEU A 98 -3.21 -6.17 -13.69
N ASP A 99 -2.83 -7.42 -13.98
CA ASP A 99 -3.01 -7.94 -15.34
C ASP A 99 -4.47 -7.85 -15.73
N THR A 100 -5.36 -8.26 -14.83
CA THR A 100 -6.79 -8.24 -15.13
C THR A 100 -7.27 -6.81 -15.37
N LEU A 101 -6.94 -5.91 -14.45
CA LEU A 101 -7.40 -4.53 -14.57
C LEU A 101 -6.89 -3.90 -15.86
N ASP A 102 -5.62 -4.11 -16.19
CA ASP A 102 -5.08 -3.54 -17.43
C ASP A 102 -5.79 -4.09 -18.65
N ARG A 103 -6.05 -5.41 -18.65
N ARG A 103 -6.05 -5.41 -18.65
CA ARG A 103 -6.72 -6.07 -19.76
CA ARG A 103 -6.71 -6.07 -19.77
C ARG A 103 -8.12 -5.51 -19.99
C ARG A 103 -8.13 -5.53 -19.98
N LEU A 104 -8.78 -5.10 -18.90
CA LEU A 104 -10.14 -4.57 -18.98
C LEU A 104 -10.19 -3.06 -19.20
N GLY A 105 -9.03 -2.41 -19.33
CA GLY A 105 -8.99 -1.02 -19.75
C GLY A 105 -8.53 -0.04 -18.69
N VAL A 106 -8.25 -0.50 -17.47
CA VAL A 106 -7.77 0.40 -16.43
C VAL A 106 -6.31 0.74 -16.71
N SER A 107 -5.96 2.03 -16.66
N SER A 107 -5.96 2.02 -16.62
CA SER A 107 -4.58 2.45 -16.82
CA SER A 107 -4.59 2.46 -16.81
C SER A 107 -3.83 2.22 -15.52
C SER A 107 -3.82 2.24 -15.51
N ILE A 108 -2.76 1.42 -15.58
CA ILE A 108 -1.98 1.04 -14.40
C ILE A 108 -0.69 1.83 -14.39
N LEU A 109 -0.35 2.38 -13.23
CA LEU A 109 0.94 3.04 -13.04
C LEU A 109 1.55 2.53 -11.75
N TRP A 110 2.85 2.21 -11.78
CA TRP A 110 3.57 1.75 -10.59
C TRP A 110 4.81 2.60 -10.43
N ARG A 111 4.84 3.44 -9.40
CA ARG A 111 6.06 4.17 -9.04
C ARG A 111 6.65 3.56 -7.80
N ASP A 112 7.98 3.43 -7.77
CA ASP A 112 8.63 2.62 -6.75
C ASP A 112 9.80 3.37 -6.10
N ASN A 113 9.66 3.65 -4.81
CA ASN A 113 10.72 4.22 -3.99
C ASN A 113 11.22 3.21 -2.97
N ASN A 114 11.14 1.92 -3.30
CA ASN A 114 11.43 0.87 -2.33
C ASN A 114 12.46 -0.07 -2.93
N SER A 115 12.08 -0.71 -4.04
CA SER A 115 12.94 -1.65 -4.74
C SER A 115 12.39 -1.80 -6.15
N ASP A 116 11.49 -2.75 -6.35
CA ASP A 116 10.70 -2.83 -7.58
C ASP A 116 9.40 -3.55 -7.25
N SER A 117 8.65 -3.92 -8.29
CA SER A 117 7.35 -4.53 -8.06
C SER A 117 7.42 -6.02 -7.78
N LYS A 118 8.62 -6.60 -7.69
CA LYS A 118 8.76 -8.01 -7.31
C LYS A 118 8.03 -8.92 -8.30
N GLY A 119 8.07 -8.54 -9.58
CA GLY A 119 7.47 -9.33 -10.64
C GLY A 119 6.05 -8.95 -11.01
N VAL A 120 5.39 -8.10 -10.20
CA VAL A 120 3.95 -7.89 -10.38
C VAL A 120 3.67 -7.14 -11.68
N MET A 121 4.54 -6.18 -12.04
CA MET A 121 4.38 -5.37 -13.24
C MET A 121 5.00 -6.01 -14.49
N ASP A 122 5.56 -7.23 -14.39
CA ASP A 122 6.45 -7.73 -15.43
C ASP A 122 5.76 -7.94 -16.78
N LYS A 123 4.45 -8.22 -16.79
CA LYS A 123 3.77 -8.47 -18.06
C LYS A 123 3.22 -7.20 -18.69
N LEU A 124 3.25 -6.10 -18.00
CA LEU A 124 2.68 -4.87 -18.51
C LEU A 124 3.77 -4.04 -19.17
N PRO A 125 3.40 -3.08 -20.02
CA PRO A 125 4.41 -2.28 -20.72
C PRO A 125 5.45 -1.70 -19.77
N LYS A 126 6.72 -1.70 -20.22
CA LYS A 126 7.82 -1.23 -19.38
C LYS A 126 7.57 0.16 -18.85
N ALA A 127 6.94 1.03 -19.65
CA ALA A 127 6.76 2.43 -19.27
C ALA A 127 5.79 2.60 -18.11
N GLN A 128 5.00 1.57 -17.78
CA GLN A 128 4.06 1.72 -16.68
C GLN A 128 4.70 1.50 -15.31
N PHE A 129 5.98 1.12 -15.28
CA PHE A 129 6.77 1.05 -14.06
C PHE A 129 7.81 2.16 -14.09
N ALA A 130 7.98 2.86 -12.97
CA ALA A 130 8.99 3.92 -12.89
C ALA A 130 9.74 3.85 -11.56
N ASP A 131 11.07 3.88 -11.66
CA ASP A 131 11.96 3.76 -10.50
C ASP A 131 12.08 5.14 -9.87
N TYR A 132 11.47 5.32 -8.70
CA TYR A 132 11.50 6.59 -8.00
C TYR A 132 12.54 6.61 -6.89
N LYS A 133 13.42 5.61 -6.85
CA LYS A 133 14.64 5.73 -6.06
C LYS A 133 15.68 6.58 -6.77
N SER A 134 15.47 6.85 -8.06
CA SER A 134 16.38 7.65 -8.86
C SER A 134 16.12 9.13 -8.63
N ALA A 135 17.19 9.89 -8.39
CA ALA A 135 17.11 11.35 -8.24
C ALA A 135 16.77 12.09 -9.53
N THR A 136 16.70 11.39 -10.67
N THR A 136 16.77 11.38 -10.66
CA THR A 136 16.24 12.00 -11.93
CA THR A 136 16.28 11.96 -11.90
C THR A 136 14.84 11.57 -12.32
C THR A 136 14.76 11.86 -12.01
N ASN A 137 14.18 10.80 -11.48
CA ASN A 137 12.72 10.68 -11.47
C ASN A 137 12.12 11.38 -10.26
N ASN A 138 12.75 11.21 -9.10
CA ASN A 138 12.23 11.75 -7.84
C ASN A 138 12.88 13.11 -7.58
N ALA A 139 12.05 14.15 -7.52
CA ALA A 139 12.56 15.49 -7.28
C ALA A 139 12.80 15.79 -5.79
N ILE A 140 12.51 14.85 -4.89
CA ILE A 140 12.55 15.13 -3.47
C ILE A 140 13.58 14.19 -2.82
N CYS A 141 14.85 14.40 -3.15
N CYS A 141 14.85 14.40 -3.15
CA CYS A 141 15.95 13.62 -2.57
CA CYS A 141 15.94 13.65 -2.55
C CYS A 141 16.97 14.49 -1.85
C CYS A 141 16.87 14.51 -1.71
N ASN A 142 16.86 15.82 -1.92
CA ASN A 142 17.84 16.72 -1.33
C ASN A 142 17.30 17.44 -0.10
N THR A 143 16.29 16.88 0.54
CA THR A 143 15.70 17.47 1.74
C THR A 143 16.30 16.91 3.02
N ASN A 144 17.35 16.10 2.91
CA ASN A 144 17.89 15.39 4.07
C ASN A 144 19.36 15.14 3.78
N PRO A 145 20.21 15.01 4.81
CA PRO A 145 21.65 14.92 4.55
C PRO A 145 22.07 13.61 3.92
N TYR A 146 21.20 12.59 3.93
CA TYR A 146 21.48 11.29 3.35
C TYR A 146 21.27 11.28 1.84
N ASN A 147 20.74 12.36 1.27
CA ASN A 147 20.34 12.39 -0.14
C ASN A 147 19.32 11.29 -0.46
N GLU A 148 18.49 10.93 0.52
CA GLU A 148 17.56 9.83 0.34
C GLU A 148 16.28 10.33 -0.30
N CYS A 149 15.89 9.69 -1.40
CA CYS A 149 14.66 10.05 -2.09
C CYS A 149 13.44 9.72 -1.22
N ARG A 150 12.48 10.64 -1.18
CA ARG A 150 11.34 10.54 -0.29
C ARG A 150 10.11 10.06 -1.02
N ASP A 151 9.26 9.35 -0.27
CA ASP A 151 8.03 8.80 -0.84
C ASP A 151 7.15 9.89 -1.44
N VAL A 152 7.08 11.06 -0.81
N VAL A 152 7.06 11.06 -0.80
CA VAL A 152 6.21 12.12 -1.32
CA VAL A 152 6.21 12.13 -1.33
C VAL A 152 6.67 12.63 -2.68
C VAL A 152 6.63 12.54 -2.73
N GLY A 153 7.90 12.32 -3.09
CA GLY A 153 8.34 12.64 -4.44
C GLY A 153 7.59 11.85 -5.50
N MET A 154 6.96 10.74 -5.13
CA MET A 154 6.18 9.98 -6.09
C MET A 154 4.90 10.70 -6.49
N LEU A 155 4.51 11.75 -5.76
CA LEU A 155 3.29 12.49 -6.12
C LEU A 155 3.56 13.52 -7.21
N VAL A 156 4.82 13.92 -7.39
CA VAL A 156 5.16 14.93 -8.38
C VAL A 156 4.81 14.45 -9.78
N GLY A 157 4.06 15.27 -10.52
CA GLY A 157 3.79 14.95 -11.91
C GLY A 157 2.76 13.88 -12.16
N LEU A 158 2.13 13.33 -11.12
CA LEU A 158 1.02 12.40 -11.35
C LEU A 158 -0.05 13.03 -12.22
N ASP A 159 -0.17 14.37 -12.16
CA ASP A 159 -1.13 15.07 -13.02
C ASP A 159 -0.83 14.87 -14.49
N ASP A 160 0.44 14.70 -14.87
CA ASP A 160 0.76 14.39 -16.26
C ASP A 160 0.15 13.06 -16.66
N PHE A 161 0.22 12.07 -15.77
CA PHE A 161 -0.32 10.76 -16.06
C PHE A 161 -1.84 10.81 -16.15
N VAL A 162 -2.49 11.52 -15.22
CA VAL A 162 -3.94 11.71 -15.30
C VAL A 162 -4.33 12.40 -16.60
N ALA A 163 -3.61 13.45 -16.99
CA ALA A 163 -3.93 14.15 -18.23
C ALA A 163 -3.75 13.24 -19.44
N ALA A 164 -2.70 12.41 -19.43
CA ALA A 164 -2.44 11.50 -20.53
C ALA A 164 -3.46 10.37 -20.59
N ASN A 165 -4.21 10.16 -19.51
CA ASN A 165 -5.21 9.11 -19.42
C ASN A 165 -6.59 9.70 -19.13
N ASN A 166 -6.84 10.89 -19.67
CA ASN A 166 -8.01 11.67 -19.30
C ASN A 166 -9.28 10.88 -19.54
N GLY A 167 -10.10 10.76 -18.49
CA GLY A 167 -11.39 10.12 -18.61
C GLY A 167 -11.37 8.60 -18.51
N LYS A 168 -10.20 8.00 -18.32
CA LYS A 168 -10.06 6.56 -18.11
C LYS A 168 -10.06 6.23 -16.62
N ASP A 169 -10.39 4.97 -16.32
CA ASP A 169 -10.11 4.47 -14.98
C ASP A 169 -8.61 4.36 -14.80
N MET A 170 -8.14 4.67 -13.60
CA MET A 170 -6.71 4.63 -13.32
C MET A 170 -6.45 4.07 -11.92
N LEU A 171 -5.43 3.21 -11.83
CA LEU A 171 -4.93 2.67 -10.56
C LEU A 171 -3.45 2.95 -10.50
N ILE A 172 -3.03 3.65 -9.45
CA ILE A 172 -1.65 4.08 -9.28
C ILE A 172 -1.13 3.42 -8.00
N MET A 173 -0.10 2.59 -8.15
CA MET A 173 0.58 2.01 -7.01
C MET A 173 1.78 2.87 -6.66
N LEU A 174 1.92 3.20 -5.38
CA LEU A 174 3.06 3.96 -4.89
C LEU A 174 3.76 3.08 -3.87
N HIS A 175 4.94 2.58 -4.22
CA HIS A 175 5.62 1.59 -3.39
C HIS A 175 6.60 2.33 -2.49
N GLN A 176 6.27 2.36 -1.19
CA GLN A 176 6.94 3.19 -0.19
C GLN A 176 8.27 2.63 0.29
N MET A 177 9.23 3.53 0.50
N MET A 177 9.24 3.53 0.49
CA MET A 177 10.35 3.18 1.38
CA MET A 177 10.35 3.18 1.39
C MET A 177 9.87 3.02 2.82
C MET A 177 9.86 3.02 2.83
N GLY A 178 9.00 3.93 3.27
CA GLY A 178 8.31 3.73 4.54
C GLY A 178 9.23 3.57 5.74
N ASN A 179 8.97 2.53 6.52
CA ASN A 179 9.67 2.30 7.77
C ASN A 179 10.80 1.29 7.64
N HIS A 180 11.31 1.06 6.43
CA HIS A 180 12.38 0.09 6.24
C HIS A 180 13.54 0.39 7.17
N GLY A 181 14.07 -0.65 7.79
CA GLY A 181 15.22 -0.52 8.67
C GLY A 181 16.43 -1.17 8.03
N PRO A 182 17.53 -1.27 8.77
CA PRO A 182 17.63 -0.91 10.19
C PRO A 182 17.72 0.60 10.46
N ALA A 183 17.93 1.41 9.43
CA ALA A 183 18.26 2.82 9.64
C ALA A 183 16.98 3.66 9.63
N TYR A 184 16.11 3.40 10.61
CA TYR A 184 14.84 4.12 10.66
C TYR A 184 15.04 5.62 10.69
N PHE A 185 16.13 6.09 11.34
CA PHE A 185 16.37 7.53 11.45
C PHE A 185 16.57 8.20 10.11
N LYS A 186 16.97 7.44 9.08
CA LYS A 186 17.14 8.03 7.75
C LYS A 186 15.83 8.18 6.99
N ARG A 187 14.77 7.55 7.46
CA ARG A 187 13.55 7.40 6.69
C ARG A 187 12.67 8.65 6.68
N TYR A 188 13.03 9.69 7.41
CA TYR A 188 12.17 10.86 7.55
C TYR A 188 13.02 12.12 7.59
N ASP A 189 12.45 13.20 7.07
CA ASP A 189 13.09 14.50 7.16
C ASP A 189 12.95 15.07 8.56
N GLU A 190 13.78 16.09 8.84
CA GLU A 190 13.92 16.61 10.20
C GLU A 190 12.59 17.12 10.76
N LYS A 191 11.69 17.64 9.92
CA LYS A 191 10.43 18.14 10.46
C LYS A 191 9.62 17.05 11.16
N PHE A 192 9.95 15.77 10.95
CA PHE A 192 9.26 14.68 11.63
C PHE A 192 10.06 14.09 12.78
N ALA A 193 11.17 14.73 13.19
CA ALA A 193 11.94 14.27 14.34
C ALA A 193 11.26 14.71 15.63
N LYS A 194 10.07 14.14 15.85
CA LYS A 194 9.23 14.55 16.96
C LYS A 194 9.60 13.83 18.23
N PHE A 195 9.88 12.54 18.14
CA PHE A 195 10.18 11.74 19.31
C PHE A 195 11.67 11.64 19.45
N THR A 196 12.17 11.99 20.63
CA THR A 196 13.58 12.22 20.83
C THR A 196 13.92 11.72 22.23
N PRO A 197 15.14 11.17 22.42
CA PRO A 197 16.25 11.01 21.49
C PRO A 197 16.06 9.87 20.48
N VAL A 198 16.94 9.82 19.48
CA VAL A 198 16.78 8.94 18.33
C VAL A 198 18.01 8.07 18.19
N CYS A 199 17.80 6.78 17.97
N CYS A 199 17.80 6.78 17.96
CA CYS A 199 18.88 5.85 17.66
CA CYS A 199 18.91 5.86 17.68
C CYS A 199 19.40 6.14 16.25
C CYS A 199 19.42 6.09 16.26
N GLU A 200 20.68 6.50 16.14
CA GLU A 200 21.28 6.79 14.84
C GLU A 200 22.46 5.87 14.54
N GLY A 201 22.51 4.71 15.17
CA GLY A 201 23.49 3.69 14.85
C GLY A 201 22.85 2.61 14.02
N ASN A 202 23.68 1.86 13.29
CA ASN A 202 23.10 0.83 12.45
C ASN A 202 22.94 -0.50 13.17
N GLU A 203 23.60 -0.67 14.32
CA GLU A 203 23.47 -1.90 15.11
C GLU A 203 22.39 -1.70 16.15
N LEU A 204 21.22 -2.30 15.91
CA LEU A 204 20.02 -1.90 16.63
C LEU A 204 20.08 -2.27 18.10
N ALA A 205 20.64 -3.44 18.43
CA ALA A 205 20.64 -3.90 19.81
C ALA A 205 21.51 -3.02 20.69
N LYS A 206 22.39 -2.21 20.09
CA LYS A 206 23.32 -1.39 20.86
C LYS A 206 22.73 -0.04 21.21
N CYS A 207 21.63 0.35 20.56
N CYS A 207 21.65 0.38 20.57
CA CYS A 207 20.94 1.56 20.93
CA CYS A 207 21.08 1.65 20.99
C CYS A 207 20.06 1.33 22.14
C CYS A 207 19.97 1.42 22.01
N GLU A 208 19.83 2.39 22.89
CA GLU A 208 18.86 2.35 23.96
C GLU A 208 17.48 2.11 23.35
N HIS A 209 16.70 1.19 23.96
CA HIS A 209 15.49 0.72 23.28
C HIS A 209 14.52 1.87 22.97
N GLN A 210 14.35 2.80 23.91
CA GLN A 210 13.42 3.92 23.68
C GLN A 210 13.84 4.73 22.47
N SER A 211 15.15 4.89 22.26
N SER A 211 15.15 4.91 22.27
CA SER A 211 15.62 5.68 21.13
CA SER A 211 15.63 5.67 21.12
C SER A 211 15.35 4.96 19.81
C SER A 211 15.32 4.96 19.81
N LEU A 212 15.32 3.62 19.82
CA LEU A 212 14.94 2.87 18.63
C LEU A 212 13.47 3.06 18.31
N ILE A 213 12.60 2.96 19.33
CA ILE A 213 11.18 3.18 19.13
C ILE A 213 10.92 4.59 18.64
N ASN A 214 11.67 5.57 19.17
CA ASN A 214 11.46 6.96 18.75
C ASN A 214 11.75 7.13 17.27
N ALA A 215 12.87 6.55 16.78
CA ALA A 215 13.17 6.65 15.36
C ALA A 215 12.10 5.98 14.51
N TYR A 216 11.65 4.79 14.94
CA TYR A 216 10.60 4.09 14.23
C TYR A 216 9.31 4.89 14.17
N ASP A 217 8.95 5.53 15.29
CA ASP A 217 7.71 6.31 15.31
C ASP A 217 7.82 7.59 14.50
N ASN A 218 9.00 8.21 14.46
CA ASN A 218 9.21 9.35 13.58
C ASN A 218 9.04 8.97 12.13
N ALA A 219 9.55 7.80 11.75
CA ALA A 219 9.35 7.34 10.38
C ALA A 219 7.87 7.14 10.08
N LEU A 220 7.09 6.68 11.06
CA LEU A 220 5.65 6.58 10.86
C LEU A 220 5.01 7.94 10.62
N LEU A 221 5.45 8.97 11.36
CA LEU A 221 4.94 10.32 11.12
C LEU A 221 5.14 10.74 9.67
N ALA A 222 6.29 10.38 9.07
CA ALA A 222 6.51 10.73 7.67
C ALA A 222 5.56 9.97 6.76
N THR A 223 5.19 8.74 7.13
CA THR A 223 4.24 7.99 6.32
C THR A 223 2.83 8.55 6.48
N ASP A 224 2.44 8.91 7.71
CA ASP A 224 1.21 9.67 7.93
C ASP A 224 1.12 10.85 6.97
N ASP A 225 2.20 11.63 6.89
CA ASP A 225 2.25 12.79 6.01
C ASP A 225 2.10 12.37 4.55
N PHE A 226 2.84 11.33 4.15
CA PHE A 226 2.81 10.89 2.76
C PHE A 226 1.41 10.43 2.37
N ILE A 227 0.75 9.68 3.25
CA ILE A 227 -0.60 9.22 2.95
C ILE A 227 -1.56 10.40 2.92
N ALA A 228 -1.42 11.34 3.87
CA ALA A 228 -2.29 12.51 3.86
C ALA A 228 -2.12 13.30 2.58
N GLN A 229 -0.87 13.47 2.13
CA GLN A 229 -0.65 14.23 0.89
C GLN A 229 -1.16 13.46 -0.32
N SER A 230 -1.07 12.12 -0.28
CA SER A 230 -1.67 11.32 -1.35
C SER A 230 -3.18 11.53 -1.42
N ILE A 231 -3.86 11.60 -0.26
CA ILE A 231 -5.29 11.93 -0.26
C ILE A 231 -5.52 13.34 -0.77
N GLN A 232 -4.72 14.31 -0.31
CA GLN A 232 -4.88 15.67 -0.81
C GLN A 232 -4.70 15.73 -2.32
N TRP A 233 -3.75 14.96 -2.86
CA TRP A 233 -3.59 14.94 -4.31
C TRP A 233 -4.85 14.39 -4.98
N LEU A 234 -5.36 13.25 -4.49
CA LEU A 234 -6.60 12.69 -5.05
C LEU A 234 -7.73 13.70 -5.00
N GLN A 235 -7.81 14.47 -3.91
CA GLN A 235 -8.90 15.42 -3.75
C GLN A 235 -8.88 16.50 -4.83
N THR A 236 -7.72 16.80 -5.41
CA THR A 236 -7.71 17.79 -6.48
C THR A 236 -8.38 17.27 -7.75
N HIS A 237 -8.74 15.99 -7.78
CA HIS A 237 -9.37 15.38 -8.94
C HIS A 237 -10.79 14.88 -8.65
N SER A 238 -11.34 15.20 -7.48
CA SER A 238 -12.58 14.58 -7.04
C SER A 238 -13.80 15.05 -7.84
N ASN A 239 -13.72 16.18 -8.52
N ASN A 239 -13.71 16.20 -8.50
CA ASN A 239 -14.87 16.61 -9.29
CA ASN A 239 -14.85 16.64 -9.32
C ASN A 239 -14.98 15.87 -10.62
C ASN A 239 -14.97 15.79 -10.57
N ALA A 240 -13.85 15.48 -11.22
CA ALA A 240 -13.87 14.69 -12.44
C ALA A 240 -13.78 13.19 -12.20
N TYR A 241 -13.20 12.75 -11.07
CA TYR A 241 -12.98 11.33 -10.81
C TYR A 241 -13.60 10.94 -9.47
N ASP A 242 -14.04 9.68 -9.37
CA ASP A 242 -14.31 9.05 -8.09
C ASP A 242 -12.99 8.59 -7.49
N VAL A 243 -12.56 9.18 -6.38
CA VAL A 243 -11.21 8.98 -5.89
C VAL A 243 -11.21 8.21 -4.58
N SER A 244 -10.28 7.27 -4.46
CA SER A 244 -10.08 6.48 -3.25
C SER A 244 -8.61 6.21 -3.04
N MET A 245 -8.25 5.93 -1.78
CA MET A 245 -6.88 5.59 -1.41
C MET A 245 -6.92 4.35 -0.53
N LEU A 246 -6.13 3.35 -0.89
CA LEU A 246 -5.92 2.17 -0.05
C LEU A 246 -4.46 2.12 0.39
N TYR A 247 -4.24 1.84 1.67
CA TYR A 247 -2.89 1.66 2.22
C TYR A 247 -2.84 0.30 2.90
N VAL A 248 -1.83 -0.51 2.57
CA VAL A 248 -1.53 -1.72 3.33
C VAL A 248 -0.03 -1.91 3.38
N SER A 249 0.51 -2.24 4.56
CA SER A 249 1.94 -2.53 4.69
C SER A 249 2.24 -3.97 4.25
N ASP A 250 3.43 -4.19 3.72
CA ASP A 250 3.80 -5.51 3.22
C ASP A 250 4.08 -6.49 4.36
N HIS A 251 4.44 -5.99 5.54
CA HIS A 251 4.71 -6.80 6.73
C HIS A 251 5.01 -5.82 7.86
N GLY A 252 5.17 -6.36 9.06
CA GLY A 252 5.50 -5.58 10.23
C GLY A 252 6.99 -5.55 10.48
N GLU A 253 7.36 -5.52 11.76
CA GLU A 253 8.76 -5.38 12.13
C GLU A 253 8.95 -5.82 13.58
N SER A 254 10.03 -6.55 13.84
CA SER A 254 10.42 -6.82 15.21
C SER A 254 11.25 -5.64 15.74
N LEU A 255 11.00 -5.26 16.99
CA LEU A 255 11.65 -4.10 17.59
C LEU A 255 12.30 -4.50 18.91
N GLY A 256 12.93 -5.68 18.92
CA GLY A 256 13.69 -6.14 20.07
C GLY A 256 12.97 -7.11 20.98
N GLU A 257 11.71 -7.43 20.68
CA GLU A 257 11.00 -8.43 21.46
C GLU A 257 11.75 -9.77 21.35
N ASN A 258 12.04 -10.38 22.49
CA ASN A 258 12.84 -11.61 22.52
C ASN A 258 14.19 -11.43 21.84
N GLY A 259 14.67 -10.20 21.74
CA GLY A 259 15.93 -9.93 21.08
C GLY A 259 15.89 -9.99 19.57
N VAL A 260 14.71 -10.02 18.96
CA VAL A 260 14.57 -10.13 17.51
C VAL A 260 14.46 -8.74 16.92
N TYR A 261 15.15 -8.51 15.80
CA TYR A 261 15.04 -7.26 15.07
C TYR A 261 14.72 -7.54 13.60
N LEU A 262 14.33 -6.48 12.91
CA LEU A 262 14.02 -6.49 11.46
C LEU A 262 12.87 -7.47 11.21
N HIS A 263 12.90 -8.13 10.05
CA HIS A 263 11.79 -9.01 9.69
C HIS A 263 12.28 -10.17 8.85
N GLY A 264 11.47 -10.63 7.89
CA GLY A 264 11.88 -11.69 6.99
C GLY A 264 11.92 -13.10 7.55
N MET A 265 11.46 -13.30 8.79
N MET A 265 11.48 -13.31 8.79
CA MET A 265 11.54 -14.65 9.32
CA MET A 265 11.50 -14.65 9.35
C MET A 265 10.46 -15.55 8.72
C MET A 265 10.46 -15.53 8.65
N PRO A 266 10.77 -16.82 8.48
CA PRO A 266 9.77 -17.76 7.96
C PRO A 266 8.49 -17.74 8.80
N ASN A 267 7.34 -17.76 8.11
CA ASN A 267 6.03 -17.59 8.75
C ASN A 267 5.81 -18.55 9.90
N ALA A 268 6.33 -19.78 9.80
CA ALA A 268 6.03 -20.78 10.81
C ALA A 268 6.42 -20.31 12.20
N PHE A 269 7.54 -19.58 12.33
CA PHE A 269 7.98 -19.14 13.65
C PHE A 269 8.21 -17.63 13.73
N ALA A 270 7.86 -16.87 12.70
CA ALA A 270 7.97 -15.41 12.79
C ALA A 270 7.06 -14.90 13.89
N PRO A 271 7.51 -13.98 14.73
CA PRO A 271 6.63 -13.43 15.77
C PRO A 271 5.53 -12.58 15.17
N LYS A 272 4.45 -12.45 15.94
CA LYS A 272 3.28 -11.73 15.47
C LYS A 272 3.61 -10.31 15.04
N GLU A 273 4.65 -9.70 15.64
CA GLU A 273 5.01 -8.32 15.28
C GLU A 273 5.34 -8.20 13.79
N GLN A 274 5.82 -9.28 13.18
CA GLN A 274 6.20 -9.20 11.77
C GLN A 274 5.02 -9.38 10.83
N ARG A 275 3.84 -9.70 11.35
CA ARG A 275 2.70 -9.97 10.48
C ARG A 275 1.51 -9.04 10.70
N SER A 276 1.42 -8.37 11.85
N SER A 276 1.43 -8.35 11.83
CA SER A 276 0.29 -7.48 12.13
CA SER A 276 0.31 -7.47 12.15
C SER A 276 0.57 -6.12 11.51
C SER A 276 0.58 -6.10 11.52
N VAL A 277 -0.20 -5.75 10.50
CA VAL A 277 0.06 -4.56 9.70
C VAL A 277 -1.11 -3.60 9.74
N PRO A 278 -0.88 -2.30 9.59
CA PRO A 278 -1.99 -1.37 9.40
C PRO A 278 -2.55 -1.48 7.99
N ALA A 279 -3.80 -1.06 7.89
CA ALA A 279 -4.45 -0.82 6.61
C ALA A 279 -5.37 0.37 6.80
N PHE A 280 -5.39 1.27 5.82
CA PHE A 280 -6.27 2.42 5.83
C PHE A 280 -7.02 2.44 4.51
N PHE A 281 -8.27 2.88 4.55
CA PHE A 281 -9.00 3.14 3.33
C PHE A 281 -9.67 4.49 3.44
N TRP A 282 -9.47 5.33 2.43
CA TRP A 282 -10.15 6.62 2.32
C TRP A 282 -10.90 6.69 0.99
N THR A 283 -12.07 7.32 1.01
CA THR A 283 -12.74 7.55 -0.26
C THR A 283 -13.52 8.84 -0.15
N ASP A 284 -13.71 9.49 -1.30
CA ASP A 284 -14.54 10.68 -1.35
C ASP A 284 -16.00 10.30 -1.11
N LYS A 285 -16.78 11.24 -0.59
CA LYS A 285 -18.15 10.92 -0.18
C LYS A 285 -19.00 10.47 -1.37
N GLN A 286 -18.74 11.01 -2.55
CA GLN A 286 -19.64 10.76 -3.67
C GLN A 286 -19.38 9.44 -4.38
N THR A 287 -18.35 8.67 -3.98
CA THR A 287 -18.02 7.46 -4.72
C THR A 287 -19.02 6.33 -4.48
N GLY A 288 -19.76 6.37 -3.38
CA GLY A 288 -20.64 5.28 -3.03
C GLY A 288 -19.95 4.07 -2.46
N ILE A 289 -18.64 4.11 -2.28
N ILE A 289 -18.65 4.12 -2.24
CA ILE A 289 -17.90 3.00 -1.69
CA ILE A 289 -17.90 3.01 -1.67
C ILE A 289 -18.01 3.07 -0.17
C ILE A 289 -17.99 3.07 -0.15
N THR A 290 -18.29 1.93 0.45
N THR A 290 -18.38 1.97 0.47
CA THR A 290 -18.50 1.84 1.88
CA THR A 290 -18.49 1.89 1.91
C THR A 290 -17.48 0.90 2.49
C THR A 290 -17.46 0.93 2.48
N PRO A 291 -16.76 1.31 3.53
CA PRO A 291 -15.77 0.41 4.13
C PRO A 291 -16.42 -0.67 5.00
N MET A 292 -15.74 -1.82 5.05
CA MET A 292 -16.06 -2.85 6.04
C MET A 292 -15.81 -2.34 7.45
N ALA A 293 -16.40 -3.05 8.42
CA ALA A 293 -16.19 -2.75 9.82
C ALA A 293 -14.70 -2.71 10.14
N THR A 294 -14.32 -1.77 11.00
N THR A 294 -14.33 -1.74 10.97
CA THR A 294 -12.90 -1.58 11.31
CA THR A 294 -12.93 -1.56 11.37
C THR A 294 -12.28 -2.82 11.95
C THR A 294 -12.32 -2.87 11.86
N ASP A 295 -13.08 -3.64 12.65
CA ASP A 295 -12.55 -4.83 13.31
C ASP A 295 -12.75 -6.11 12.50
N THR A 296 -13.06 -6.00 11.22
CA THR A 296 -13.14 -7.18 10.37
C THR A 296 -11.80 -7.93 10.38
N VAL A 297 -11.85 -9.24 10.57
CA VAL A 297 -10.63 -10.05 10.46
C VAL A 297 -10.20 -10.06 9.00
N LEU A 298 -9.05 -9.46 8.71
CA LEU A 298 -8.59 -9.23 7.35
C LEU A 298 -7.14 -9.68 7.20
N THR A 299 -6.79 -10.00 5.95
CA THR A 299 -5.43 -10.39 5.58
C THR A 299 -5.08 -9.72 4.25
N HIS A 300 -3.85 -9.97 3.78
CA HIS A 300 -3.46 -9.54 2.44
C HIS A 300 -4.37 -10.10 1.34
N ASP A 301 -5.06 -11.21 1.60
CA ASP A 301 -5.98 -11.75 0.60
C ASP A 301 -7.13 -10.79 0.28
N ALA A 302 -7.38 -9.81 1.15
CA ALA A 302 -8.47 -8.87 0.87
C ALA A 302 -8.12 -7.84 -0.20
N ILE A 303 -6.83 -7.73 -0.57
CA ILE A 303 -6.41 -6.65 -1.44
C ILE A 303 -6.92 -6.85 -2.86
N THR A 304 -6.73 -8.04 -3.41
CA THR A 304 -7.17 -8.28 -4.79
C THR A 304 -8.67 -8.07 -4.96
N PRO A 305 -9.55 -8.62 -4.14
CA PRO A 305 -10.98 -8.30 -4.30
C PRO A 305 -11.31 -6.84 -4.07
N THR A 306 -10.58 -6.14 -3.19
CA THR A 306 -10.81 -4.70 -3.02
C THR A 306 -10.51 -3.95 -4.31
N LEU A 307 -9.36 -4.22 -4.91
CA LEU A 307 -8.98 -3.52 -6.13
C LEU A 307 -9.98 -3.80 -7.24
N LEU A 308 -10.40 -5.06 -7.37
CA LEU A 308 -11.41 -5.40 -8.37
C LEU A 308 -12.71 -4.64 -8.11
N LYS A 309 -13.17 -4.63 -6.85
N LYS A 309 -13.17 -4.62 -6.85
CA LYS A 309 -14.45 -3.99 -6.53
CA LYS A 309 -14.45 -3.98 -6.57
C LYS A 309 -14.40 -2.48 -6.79
C LYS A 309 -14.39 -2.48 -6.81
N LEU A 310 -13.27 -1.85 -6.49
CA LEU A 310 -13.11 -0.42 -6.74
C LEU A 310 -13.32 -0.07 -8.21
N PHE A 311 -13.06 -1.02 -9.12
CA PHE A 311 -13.24 -0.76 -10.54
C PHE A 311 -14.40 -1.55 -11.13
N ASP A 312 -15.31 -2.05 -10.29
N ASP A 312 -15.34 -2.03 -10.31
CA ASP A 312 -16.55 -2.69 -10.74
CA ASP A 312 -16.55 -2.68 -10.79
C ASP A 312 -16.25 -3.95 -11.54
C ASP A 312 -16.24 -3.95 -11.58
N VAL A 313 -15.21 -4.68 -11.15
CA VAL A 313 -14.79 -5.91 -11.83
C VAL A 313 -15.18 -7.10 -10.97
N THR A 314 -15.80 -8.10 -11.59
N THR A 314 -15.82 -8.08 -11.58
CA THR A 314 -16.18 -9.36 -10.94
CA THR A 314 -16.15 -9.34 -10.93
C THR A 314 -15.28 -10.48 -11.44
C THR A 314 -15.19 -10.42 -11.43
N ALA A 315 -14.76 -11.30 -10.53
CA ALA A 315 -13.92 -12.43 -10.89
C ALA A 315 -14.26 -13.62 -10.01
N ASP A 316 -14.59 -14.74 -10.66
CA ASP A 316 -15.06 -15.92 -9.94
C ASP A 316 -14.08 -16.36 -8.86
N LYS A 317 -12.77 -16.25 -9.14
CA LYS A 317 -11.75 -16.81 -8.26
C LYS A 317 -11.81 -16.21 -6.85
N VAL A 318 -12.28 -14.97 -6.72
CA VAL A 318 -12.31 -14.31 -5.42
C VAL A 318 -13.74 -14.00 -4.98
N LYS A 319 -14.73 -14.72 -5.52
CA LYS A 319 -16.13 -14.36 -5.27
C LYS A 319 -16.50 -14.46 -3.80
N ASP A 320 -15.82 -15.31 -3.04
CA ASP A 320 -16.14 -15.55 -1.64
C ASP A 320 -15.21 -14.83 -0.67
N ARG A 321 -14.27 -14.05 -1.18
N ARG A 321 -14.30 -13.99 -1.16
CA ARG A 321 -13.28 -13.40 -0.35
CA ARG A 321 -13.23 -13.46 -0.33
C ARG A 321 -13.87 -12.17 0.33
C ARG A 321 -13.60 -12.09 0.24
N THR A 322 -13.41 -11.93 1.54
CA THR A 322 -13.70 -10.68 2.21
C THR A 322 -12.79 -9.60 1.64
N ALA A 323 -13.33 -8.40 1.43
CA ALA A 323 -12.56 -7.25 0.98
C ALA A 323 -12.51 -6.19 2.08
N PHE A 324 -11.85 -5.08 1.79
CA PHE A 324 -11.86 -3.94 2.69
C PHE A 324 -13.12 -3.10 2.55
N ILE A 325 -13.93 -3.34 1.50
CA ILE A 325 -15.12 -2.55 1.21
C ILE A 325 -16.31 -3.50 0.99
N ARG A 326 -17.51 -2.99 1.24
N ARG A 326 -17.50 -2.97 1.21
CA ARG A 326 -18.72 -3.78 1.34
CA ARG A 326 -18.72 -3.77 1.33
C ARG A 326 -19.36 -4.04 -0.03
C ARG A 326 -19.38 -4.02 -0.04
N LEU A 327 -20.23 -5.05 -0.06
CA LEU A 327 -21.01 -5.38 -1.25
C LEU A 327 -22.31 -4.59 -1.33
N GLU A 328 -22.85 -4.15 -0.19
CA GLU A 328 -24.14 -3.48 -0.13
C GLU A 328 -23.98 -1.97 -0.27
N HIS A 329 -24.92 -1.34 -0.98
N HIS A 329 -24.90 -1.34 -0.99
CA HIS A 329 -24.84 0.07 -1.34
CA HIS A 329 -24.80 0.07 -1.30
C HIS A 329 -26.12 0.78 -0.90
C HIS A 329 -26.10 0.79 -0.93
N HIS A 330 -25.98 1.84 -0.13
CA HIS A 330 -27.11 2.68 0.25
C HIS A 330 -27.40 3.71 -0.84
N HIS A 331 -28.67 3.84 -1.20
CA HIS A 331 -29.06 4.83 -2.21
C HIS A 331 -29.92 5.95 -1.60
C5 LXC B . 9.04 -17.72 3.97
O5 LXC B . 10.34 -17.08 3.72
C1 LXC B . 10.21 -15.64 3.39
O1 LXC B . 11.43 -15.07 3.24
C2 LXC B . 9.36 -14.94 4.47
O2 LXC B . 9.37 -13.51 4.32
C3 LXC B . 8.00 -15.54 4.40
O3 LXC B . 6.99 -14.77 5.12
C4 LXC B . 8.14 -16.91 4.91
O4 LXC B . 6.91 -17.59 5.12
ZN ZN C . 9.22 -4.88 3.20
#